data_3BFO
#
_entry.id   3BFO
#
_cell.length_a   39.944
_cell.length_b   43.640
_cell.length_c   49.595
_cell.angle_alpha   66.50
_cell.angle_beta   90.00
_cell.angle_gamma   90.02
#
_symmetry.space_group_name_H-M   'P 1'
#
loop_
_entity.id
_entity.type
_entity.pdbx_description
1 polymer 'Mucosa-associated lymphoid tissue lymphoma translocation protein 1 (Isoform 2)'
2 water water
#
_entity_poly.entity_id   1
_entity_poly.type   'polypeptide(L)'
_entity_poly.pdbx_seq_one_letter_code
;GSKLQICVEPTSQKLMPGSTLVLQCVAVGSPIPHYQWFKNELPLTHETKKLYMVPYVDLEHQGTYWCHVYNDRDSQDSKK
VEIIIDELNNL
;
_entity_poly.pdbx_strand_id   A,B,C,D
#
# COMPACT_ATOMS: atom_id res chain seq x y z
N SER A 2 1.74 -7.73 -15.90
CA SER A 2 1.38 -6.30 -16.12
C SER A 2 0.85 -5.73 -14.81
N LYS A 3 1.20 -4.45 -14.58
N LYS A 3 1.22 -4.48 -14.53
CA LYS A 3 0.89 -3.68 -13.38
CA LYS A 3 0.98 -3.97 -13.22
C LYS A 3 -0.59 -3.80 -13.07
C LYS A 3 -0.50 -3.75 -13.01
N LEU A 4 -0.92 -4.15 -11.83
CA LEU A 4 -2.33 -4.11 -11.41
C LEU A 4 -2.67 -2.66 -11.25
N GLN A 5 -3.78 -2.26 -11.86
CA GLN A 5 -4.19 -0.87 -11.77
C GLN A 5 -5.72 -0.75 -11.83
N ILE A 6 -6.29 -0.07 -10.88
CA ILE A 6 -7.73 0.23 -10.90
C ILE A 6 -7.96 1.33 -11.96
N CYS A 7 -8.90 1.03 -12.86
N CYS A 7 -8.88 0.99 -12.89
CA CYS A 7 -9.22 1.96 -13.94
CA CYS A 7 -9.25 1.87 -14.03
C CYS A 7 -10.61 2.53 -13.76
C CYS A 7 -10.70 2.35 -14.03
N VAL A 8 -11.56 1.77 -13.19
CA VAL A 8 -12.93 2.25 -12.94
C VAL A 8 -13.05 2.25 -11.43
N GLU A 9 -13.27 3.46 -10.89
CA GLU A 9 -13.45 3.73 -9.49
C GLU A 9 -14.95 3.74 -9.15
N PRO A 10 -15.36 3.27 -7.94
CA PRO A 10 -16.75 3.38 -7.53
C PRO A 10 -17.11 4.86 -7.35
N THR A 11 -18.42 5.09 -7.33
CA THR A 11 -19.04 6.42 -7.18
C THR A 11 -19.96 6.47 -5.94
N SER A 12 -19.86 7.59 -5.18
CA SER A 12 -20.82 7.82 -4.09
C SER A 12 -22.20 8.06 -4.69
N GLN A 13 -23.21 7.75 -3.89
CA GLN A 13 -24.61 7.83 -4.33
C GLN A 13 -25.42 8.33 -3.16
N LYS A 14 -26.47 9.06 -3.52
CA LYS A 14 -27.53 9.45 -2.59
C LYS A 14 -28.80 8.80 -3.05
N LEU A 15 -29.28 7.84 -2.26
CA LEU A 15 -30.37 6.97 -2.69
C LEU A 15 -31.55 7.09 -1.75
N MET A 16 -32.72 6.70 -2.25
N MET A 16 -32.74 6.76 -2.21
CA MET A 16 -33.90 6.60 -1.39
CA MET A 16 -33.80 6.66 -1.21
C MET A 16 -34.17 5.13 -1.04
C MET A 16 -34.21 5.19 -1.04
N PRO A 17 -34.87 4.86 0.07
CA PRO A 17 -35.23 3.47 0.31
C PRO A 17 -35.98 2.94 -0.94
N GLY A 18 -35.71 1.71 -1.33
CA GLY A 18 -36.36 1.12 -2.47
C GLY A 18 -35.56 1.26 -3.76
N SER A 19 -34.59 2.18 -3.79
N SER A 19 -34.59 2.16 -3.80
CA SER A 19 -33.69 2.43 -4.96
CA SER A 19 -33.80 2.35 -5.02
C SER A 19 -32.71 1.27 -5.08
C SER A 19 -32.61 1.36 -5.02
N THR A 20 -31.91 1.28 -6.14
CA THR A 20 -30.90 0.27 -6.34
C THR A 20 -29.52 0.84 -6.01
N LEU A 21 -28.73 0.06 -5.28
CA LEU A 21 -27.33 0.37 -5.09
C LEU A 21 -26.51 -0.37 -6.10
N VAL A 22 -25.69 0.36 -6.85
N VAL A 22 -25.73 0.32 -6.91
CA VAL A 22 -24.75 -0.25 -7.80
CA VAL A 22 -24.67 -0.38 -7.65
C VAL A 22 -23.36 0.35 -7.61
C VAL A 22 -23.39 0.37 -7.39
N LEU A 23 -22.38 -0.45 -7.16
CA LEU A 23 -20.99 -0.02 -7.02
C LEU A 23 -20.16 -0.85 -7.97
N GLN A 24 -19.19 -0.22 -8.60
CA GLN A 24 -18.34 -0.91 -9.56
C GLN A 24 -16.89 -0.53 -9.34
N CYS A 25 -16.02 -1.51 -9.49
CA CYS A 25 -14.56 -1.27 -9.47
C CYS A 25 -13.99 -2.21 -10.51
N VAL A 26 -13.20 -1.69 -11.46
CA VAL A 26 -12.61 -2.51 -12.50
C VAL A 26 -11.13 -2.24 -12.57
N ALA A 27 -10.33 -3.28 -12.56
CA ALA A 27 -8.90 -3.17 -12.65
C ALA A 27 -8.40 -3.97 -13.83
N VAL A 28 -7.20 -3.62 -14.30
CA VAL A 28 -6.44 -4.41 -15.24
C VAL A 28 -5.19 -4.93 -14.52
N GLY A 29 -4.54 -5.91 -15.12
CA GLY A 29 -3.30 -6.43 -14.58
C GLY A 29 -3.14 -7.88 -14.95
N SER A 30 -1.92 -8.36 -14.82
CA SER A 30 -1.69 -9.79 -14.96
C SER A 30 -0.66 -10.16 -13.91
N PRO A 31 -0.94 -11.18 -13.08
CA PRO A 31 -2.15 -12.01 -13.11
C PRO A 31 -3.44 -11.21 -12.92
N ILE A 32 -4.51 -11.82 -13.39
CA ILE A 32 -5.81 -11.17 -13.43
C ILE A 32 -6.23 -10.73 -12.02
N PRO A 33 -6.63 -9.48 -11.84
CA PRO A 33 -7.04 -9.01 -10.50
C PRO A 33 -8.24 -9.75 -9.95
N HIS A 34 -8.21 -9.90 -8.63
CA HIS A 34 -9.33 -10.32 -7.80
C HIS A 34 -9.83 -9.12 -7.01
N TYR A 35 -11.07 -9.30 -6.53
CA TYR A 35 -11.80 -8.18 -5.89
C TYR A 35 -12.41 -8.69 -4.58
N GLN A 36 -12.52 -7.78 -3.62
CA GLN A 36 -13.30 -8.07 -2.42
C GLN A 36 -13.85 -6.73 -1.89
N TRP A 37 -15.18 -6.66 -1.78
CA TRP A 37 -15.81 -5.45 -1.30
C TRP A 37 -15.90 -5.42 0.21
N PHE A 38 -15.87 -4.20 0.75
CA PHE A 38 -15.95 -3.94 2.18
C PHE A 38 -16.98 -2.86 2.42
N LYS A 39 -17.69 -2.99 3.53
N LYS A 39 -17.64 -2.97 3.57
CA LYS A 39 -18.50 -1.90 4.02
CA LYS A 39 -18.66 -2.02 4.06
C LYS A 39 -18.19 -1.76 5.50
C LYS A 39 -18.35 -1.77 5.55
N ASN A 40 -18.09 -0.51 5.94
CA ASN A 40 -17.88 -0.19 7.39
C ASN A 40 -16.86 -1.17 8.00
N GLU A 41 -15.75 -1.30 7.29
CA GLU A 41 -14.52 -2.01 7.73
C GLU A 41 -14.65 -3.52 7.74
N LEU A 42 -15.76 -4.04 7.27
CA LEU A 42 -16.01 -5.47 7.29
C LEU A 42 -16.18 -6.00 5.85
N PRO A 43 -15.65 -7.21 5.56
CA PRO A 43 -15.85 -7.72 4.19
C PRO A 43 -17.29 -8.04 3.95
N LEU A 44 -17.81 -7.75 2.80
CA LEU A 44 -19.13 -8.18 2.38
C LEU A 44 -18.99 -9.58 1.84
N THR A 45 -19.54 -10.54 2.56
N THR A 45 -19.57 -10.57 2.54
CA THR A 45 -19.33 -11.90 2.19
CA THR A 45 -19.44 -12.02 2.23
C THR A 45 -19.80 -12.21 0.77
C THR A 45 -19.92 -12.47 0.86
N HIS A 46 -18.95 -12.91 0.05
CA HIS A 46 -19.16 -13.33 -1.31
C HIS A 46 -19.32 -12.14 -2.27
N GLU A 47 -18.79 -11.02 -1.93
CA GLU A 47 -18.85 -9.98 -2.90
C GLU A 47 -17.45 -9.77 -3.42
N THR A 48 -17.17 -10.59 -4.44
CA THR A 48 -15.82 -10.69 -5.01
C THR A 48 -15.86 -10.39 -6.50
N LYS A 49 -16.87 -9.64 -6.92
N LYS A 49 -16.87 -9.67 -6.94
CA LYS A 49 -17.05 -9.27 -8.31
CA LYS A 49 -16.98 -9.32 -8.36
C LYS A 49 -16.82 -7.77 -8.51
C LYS A 49 -16.86 -7.81 -8.54
N LYS A 50 -16.57 -7.39 -9.77
CA LYS A 50 -16.37 -5.99 -10.10
C LYS A 50 -17.61 -5.15 -9.72
N LEU A 51 -18.81 -5.75 -9.81
CA LEU A 51 -20.03 -5.09 -9.41
C LEU A 51 -20.51 -5.57 -8.05
N TYR A 52 -20.98 -4.63 -7.24
CA TYR A 52 -21.71 -4.96 -6.00
C TYR A 52 -23.07 -4.29 -6.17
N MET A 53 -24.11 -5.10 -6.01
N MET A 53 -24.12 -5.09 -6.03
N MET A 53 -24.16 -5.06 -6.12
CA MET A 53 -25.48 -4.74 -6.35
CA MET A 53 -25.46 -4.64 -6.32
CA MET A 53 -25.49 -4.45 -6.39
C MET A 53 -26.42 -5.04 -5.17
C MET A 53 -26.38 -5.01 -5.16
C MET A 53 -26.52 -5.01 -5.44
N VAL A 54 -27.28 -4.07 -4.86
CA VAL A 54 -28.35 -4.36 -3.92
C VAL A 54 -29.63 -3.79 -4.55
N PRO A 55 -30.61 -4.65 -4.85
CA PRO A 55 -31.72 -4.18 -5.65
C PRO A 55 -32.63 -3.19 -5.08
N TYR A 56 -32.96 -3.34 -3.81
CA TYR A 56 -33.93 -2.49 -3.13
C TYR A 56 -33.23 -2.14 -1.83
N VAL A 57 -32.72 -0.95 -1.70
CA VAL A 57 -31.97 -0.57 -0.51
C VAL A 57 -32.84 -0.10 0.62
N ASP A 58 -32.27 -0.19 1.81
CA ASP A 58 -32.88 0.43 2.98
C ASP A 58 -31.76 0.99 3.83
N LEU A 59 -32.11 1.48 5.02
CA LEU A 59 -31.11 2.22 5.81
C LEU A 59 -29.91 1.36 6.16
N GLU A 60 -30.12 0.05 6.24
CA GLU A 60 -29.02 -0.85 6.58
C GLU A 60 -27.90 -0.81 5.54
N HIS A 61 -28.19 -0.36 4.32
CA HIS A 61 -27.16 -0.31 3.28
C HIS A 61 -26.36 0.98 3.27
N GLN A 62 -26.70 1.95 4.14
CA GLN A 62 -25.92 3.16 4.24
C GLN A 62 -24.54 2.80 4.79
N GLY A 63 -23.51 3.47 4.29
CA GLY A 63 -22.19 3.25 4.87
C GLY A 63 -21.11 3.67 3.92
N THR A 64 -19.88 3.31 4.32
CA THR A 64 -18.71 3.68 3.58
C THR A 64 -18.20 2.40 2.97
N TYR A 65 -18.00 2.39 1.63
CA TYR A 65 -17.62 1.14 0.90
C TYR A 65 -16.32 1.35 0.17
N TRP A 66 -15.63 0.25 -0.06
CA TRP A 66 -14.46 0.25 -0.94
C TRP A 66 -14.19 -1.20 -1.35
N CYS A 67 -13.34 -1.32 -2.36
CA CYS A 67 -12.99 -2.62 -2.90
C CYS A 67 -11.50 -2.80 -2.82
N HIS A 68 -11.08 -3.95 -2.29
CA HIS A 68 -9.67 -4.33 -2.34
C HIS A 68 -9.43 -5.12 -3.60
N VAL A 69 -8.45 -4.69 -4.39
CA VAL A 69 -8.16 -5.30 -5.67
C VAL A 69 -6.75 -5.86 -5.62
N TYR A 70 -6.57 -7.13 -6.03
CA TYR A 70 -5.28 -7.73 -5.72
C TYR A 70 -4.94 -8.89 -6.63
N ASN A 71 -3.66 -9.16 -6.74
CA ASN A 71 -3.20 -10.43 -7.28
C ASN A 71 -2.03 -10.89 -6.44
N ASP A 72 -1.25 -11.87 -6.93
CA ASP A 72 -0.16 -12.43 -6.15
C ASP A 72 1.11 -11.60 -6.16
N ARG A 73 1.06 -10.37 -6.68
N ARG A 73 1.02 -10.39 -6.71
CA ARG A 73 2.19 -9.44 -6.53
CA ARG A 73 2.15 -9.50 -6.81
C ARG A 73 1.81 -8.10 -5.90
C ARG A 73 1.90 -8.11 -6.20
N ASP A 74 0.66 -7.60 -6.31
CA ASP A 74 0.32 -6.19 -6.10
C ASP A 74 -1.09 -6.11 -5.54
N SER A 75 -1.39 -5.00 -4.88
N SER A 75 -1.36 -5.00 -4.84
CA SER A 75 -2.78 -4.73 -4.51
CA SER A 75 -2.71 -4.67 -4.35
C SER A 75 -2.99 -3.23 -4.37
C SER A 75 -2.95 -3.19 -4.56
N GLN A 76 -4.23 -2.85 -4.64
CA GLN A 76 -4.65 -1.48 -4.54
C GLN A 76 -6.04 -1.53 -3.90
N ASP A 77 -6.33 -0.44 -3.13
CA ASP A 77 -7.69 -0.21 -2.63
C ASP A 77 -8.34 0.86 -3.50
N SER A 78 -9.61 0.61 -3.83
CA SER A 78 -10.36 1.65 -4.50
C SER A 78 -10.49 2.80 -3.58
N LYS A 79 -10.91 3.90 -4.17
CA LYS A 79 -11.43 5.02 -3.41
C LYS A 79 -12.57 4.54 -2.47
N LYS A 80 -12.67 5.23 -1.31
CA LYS A 80 -13.76 5.01 -0.40
C LYS A 80 -14.90 5.94 -0.85
N VAL A 81 -16.08 5.32 -0.90
CA VAL A 81 -17.28 6.01 -1.34
C VAL A 81 -18.35 5.82 -0.29
N GLU A 82 -19.20 6.86 -0.19
CA GLU A 82 -20.30 6.90 0.81
C GLU A 82 -21.64 6.71 0.09
N ILE A 83 -22.41 5.78 0.61
CA ILE A 83 -23.77 5.58 0.15
C ILE A 83 -24.65 6.14 1.25
N ILE A 84 -25.42 7.15 0.88
CA ILE A 84 -26.34 7.83 1.77
C ILE A 84 -27.75 7.45 1.41
N ILE A 85 -28.52 7.07 2.41
CA ILE A 85 -29.88 6.62 2.18
C ILE A 85 -30.84 7.51 2.95
N ASP A 86 -31.53 8.35 2.17
CA ASP A 86 -32.33 9.47 2.66
C ASP A 86 -33.82 9.23 2.48
N SER B 2 -21.60 15.60 28.91
CA SER B 2 -20.25 15.94 29.47
C SER B 2 -19.26 16.40 28.39
N LYS B 3 -18.56 17.48 28.68
CA LYS B 3 -17.67 18.11 27.72
C LYS B 3 -16.64 17.12 27.23
N LEU B 4 -16.44 17.10 25.92
CA LEU B 4 -15.40 16.24 25.31
C LEU B 4 -14.07 16.85 25.61
N GLN B 5 -13.18 16.05 26.17
CA GLN B 5 -11.86 16.59 26.52
C GLN B 5 -10.79 15.47 26.33
N ILE B 6 -9.75 15.77 25.60
CA ILE B 6 -8.61 14.85 25.48
C ILE B 6 -7.85 14.85 26.80
N CYS B 7 -7.62 13.68 27.37
N CYS B 7 -7.70 13.68 27.42
CA CYS B 7 -6.92 13.52 28.66
CA CYS B 7 -6.91 13.54 28.65
C CYS B 7 -5.62 12.76 28.58
C CYS B 7 -5.50 13.00 28.41
N VAL B 8 -5.39 12.02 27.51
CA VAL B 8 -4.09 11.40 27.21
C VAL B 8 -3.76 11.88 25.81
N GLU B 9 -2.64 12.57 25.69
CA GLU B 9 -2.09 13.07 24.44
C GLU B 9 -1.04 12.11 23.89
N PRO B 10 -0.91 12.00 22.56
CA PRO B 10 0.12 11.14 21.97
C PRO B 10 1.49 11.75 22.25
N THR B 11 2.51 10.90 22.10
CA THR B 11 3.91 11.31 22.34
C THR B 11 4.75 11.09 21.08
N SER B 12 5.65 12.04 20.80
CA SER B 12 6.69 11.88 19.78
C SER B 12 7.64 10.75 20.14
N GLN B 13 8.17 10.10 19.11
CA GLN B 13 9.06 8.96 19.30
C GLN B 13 10.18 9.06 18.28
N LYS B 14 11.35 8.58 18.70
CA LYS B 14 12.49 8.34 17.81
C LYS B 14 12.73 6.87 17.78
N LEU B 15 12.45 6.27 16.64
CA LEU B 15 12.45 4.82 16.50
C LEU B 15 13.47 4.36 15.48
N MET B 16 13.87 3.10 15.62
N MET B 16 13.91 3.12 15.60
CA MET B 16 14.72 2.47 14.62
CA MET B 16 14.70 2.59 14.50
C MET B 16 13.87 1.54 13.73
C MET B 16 13.89 1.57 13.72
N PRO B 17 14.29 1.28 12.48
CA PRO B 17 13.54 0.33 11.68
C PRO B 17 13.39 -0.99 12.50
N GLY B 18 12.22 -1.61 12.45
CA GLY B 18 11.99 -2.86 13.16
C GLY B 18 11.40 -2.66 14.53
N SER B 19 11.42 -1.44 15.07
N SER B 19 11.45 -1.42 15.06
CA SER B 19 10.84 -1.18 16.39
CA SER B 19 10.86 -1.02 16.38
C SER B 19 9.34 -0.88 16.25
C SER B 19 9.34 -1.02 16.25
N THR B 20 8.65 -0.79 17.36
CA THR B 20 7.22 -0.68 17.33
C THR B 20 6.81 0.78 17.48
N LEU B 21 5.82 1.20 16.68
CA LEU B 21 5.18 2.49 16.85
C LEU B 21 3.91 2.30 17.64
N VAL B 22 3.81 3.03 18.76
N VAL B 22 3.79 2.97 18.77
CA VAL B 22 2.56 3.07 19.56
CA VAL B 22 2.46 3.06 19.42
C VAL B 22 2.16 4.50 19.81
C VAL B 22 2.21 4.54 19.65
N LEU B 23 1.00 4.93 19.28
CA LEU B 23 0.46 6.26 19.54
C LEU B 23 -0.86 6.07 20.27
N GLN B 24 -1.13 6.92 21.26
CA GLN B 24 -2.35 6.80 22.02
C GLN B 24 -2.99 8.19 22.24
N CYS B 25 -4.31 8.21 22.14
CA CYS B 25 -5.07 9.44 22.48
C CYS B 25 -6.32 8.97 23.16
N VAL B 26 -6.58 9.51 24.36
CA VAL B 26 -7.76 9.10 25.13
C VAL B 26 -8.53 10.34 25.52
N ALA B 27 -9.83 10.33 25.29
CA ALA B 27 -10.69 11.43 25.66
C ALA B 27 -11.84 10.91 26.53
N VAL B 28 -12.41 11.86 27.27
CA VAL B 28 -13.64 11.66 28.01
C VAL B 28 -14.72 12.53 27.37
N GLY B 29 -15.97 12.25 27.69
CA GLY B 29 -17.08 13.06 27.23
C GLY B 29 -18.30 12.21 27.07
N SER B 30 -19.43 12.89 26.96
CA SER B 30 -20.67 12.20 26.62
C SER B 30 -21.42 13.14 25.70
N PRO B 31 -21.85 12.67 24.52
CA PRO B 31 -21.70 11.29 24.03
C PRO B 31 -20.23 10.86 23.94
N ILE B 32 -20.09 9.55 23.97
CA ILE B 32 -18.76 8.91 24.00
C ILE B 32 -17.94 9.36 22.80
N PRO B 33 -16.69 9.83 23.02
CA PRO B 33 -15.87 10.29 21.88
C PRO B 33 -15.54 9.19 20.91
N HIS B 34 -15.44 9.58 19.64
CA HIS B 34 -14.91 8.79 18.56
C HIS B 34 -13.55 9.36 18.18
N TYR B 35 -12.77 8.56 17.44
CA TYR B 35 -11.36 8.88 17.14
C TYR B 35 -11.12 8.64 15.67
N GLN B 36 -10.19 9.39 15.07
CA GLN B 36 -9.72 9.07 13.73
C GLN B 36 -8.28 9.60 13.68
N TRP B 37 -7.33 8.71 13.37
CA TRP B 37 -5.94 9.10 13.26
C TRP B 37 -5.59 9.60 11.86
N PHE B 38 -4.63 10.52 11.83
CA PHE B 38 -4.15 11.13 10.58
C PHE B 38 -2.65 11.06 10.57
N LYS B 39 -2.12 10.86 9.37
CA LYS B 39 -0.66 10.94 9.14
C LYS B 39 -0.48 11.84 7.91
N ASN B 40 0.43 12.82 8.00
CA ASN B 40 0.77 13.67 6.80
C ASN B 40 -0.50 14.11 6.09
N GLU B 41 -1.44 14.61 6.90
CA GLU B 41 -2.68 15.28 6.42
C GLU B 41 -3.73 14.35 5.85
N LEU B 42 -3.49 13.05 5.91
CA LEU B 42 -4.37 12.05 5.36
C LEU B 42 -4.92 11.12 6.46
N PRO B 43 -6.21 10.70 6.36
CA PRO B 43 -6.70 9.77 7.38
C PRO B 43 -6.06 8.40 7.22
N LEU B 44 -5.69 7.79 8.32
CA LEU B 44 -5.21 6.42 8.32
C LEU B 44 -6.43 5.54 8.35
N THR B 45 -6.64 4.86 7.21
CA THR B 45 -7.85 4.13 7.06
C THR B 45 -8.06 3.12 8.18
N HIS B 46 -9.25 3.12 8.73
CA HIS B 46 -9.68 2.15 9.72
C HIS B 46 -8.90 2.30 11.01
N GLU B 47 -8.29 3.46 11.24
CA GLU B 47 -7.63 3.69 12.52
C GLU B 47 -8.48 4.61 13.33
N THR B 48 -9.44 4.01 14.03
CA THR B 48 -10.49 4.75 14.77
C THR B 48 -10.49 4.39 16.22
N LYS B 49 -9.36 3.94 16.71
N LYS B 49 -9.35 3.88 16.69
CA LYS B 49 -9.27 3.56 18.10
CA LYS B 49 -9.18 3.48 18.09
C LYS B 49 -8.24 4.39 18.85
C LYS B 49 -8.31 4.45 18.86
N LYS B 50 -8.34 4.37 20.19
CA LYS B 50 -7.49 5.18 21.02
C LYS B 50 -6.01 4.90 20.76
N LEU B 51 -5.69 3.65 20.41
CA LEU B 51 -4.33 3.27 20.09
C LEU B 51 -4.15 3.11 18.59
N TYR B 52 -3.02 3.59 18.09
CA TYR B 52 -2.60 3.31 16.72
C TYR B 52 -1.25 2.61 16.89
N MET B 53 -1.13 1.47 16.22
N MET B 53 -1.10 1.37 16.43
N MET B 53 -1.13 1.43 16.30
CA MET B 53 -0.03 0.56 16.44
CA MET B 53 0.19 0.68 16.64
CA MET B 53 0.03 0.60 16.54
C MET B 53 0.54 0.11 15.10
C MET B 53 0.60 -0.09 15.41
C MET B 53 0.54 0.05 15.19
N VAL B 54 1.87 0.09 15.04
CA VAL B 54 2.52 -0.53 13.90
C VAL B 54 3.67 -1.37 14.44
N PRO B 55 3.62 -2.69 14.25
CA PRO B 55 4.54 -3.58 14.93
C PRO B 55 5.96 -3.48 14.63
N TYR B 56 6.29 -3.32 13.35
CA TYR B 56 7.67 -3.31 12.89
C TYR B 56 7.70 -2.14 11.94
N VAL B 57 8.29 -1.04 12.35
CA VAL B 57 8.28 0.17 11.53
C VAL B 57 9.40 0.21 10.51
N ASP B 58 9.15 1.03 9.50
CA ASP B 58 10.20 1.32 8.53
C ASP B 58 10.04 2.76 8.15
N LEU B 59 10.82 3.19 7.18
CA LEU B 59 10.87 4.61 6.89
C LEU B 59 9.52 5.16 6.46
N GLU B 60 8.68 4.31 5.85
CA GLU B 60 7.36 4.77 5.40
C GLU B 60 6.49 5.24 6.58
N HIS B 61 6.82 4.81 7.81
CA HIS B 61 6.03 5.24 8.96
C HIS B 61 6.44 6.57 9.56
N GLN B 62 7.51 7.17 9.09
CA GLN B 62 7.93 8.46 9.56
C GLN B 62 6.88 9.50 9.17
N GLY B 63 6.63 10.47 10.04
CA GLY B 63 5.71 11.52 9.67
C GLY B 63 5.13 12.18 10.87
N THR B 64 4.18 13.08 10.56
CA THR B 64 3.51 13.83 11.58
C THR B 64 2.12 13.29 11.73
N TYR B 65 1.78 12.95 12.99
CA TYR B 65 0.48 12.27 13.30
C TYR B 65 -0.33 13.09 14.26
N TRP B 66 -1.64 12.92 14.17
CA TRP B 66 -2.53 13.48 15.20
C TRP B 66 -3.84 12.70 15.12
N CYS B 67 -4.66 12.91 16.14
CA CYS B 67 -5.93 12.20 16.21
C CYS B 67 -7.04 13.26 16.33
N HIS B 68 -8.09 13.12 15.54
CA HIS B 68 -9.30 13.93 15.66
C HIS B 68 -10.27 13.20 16.56
N VAL B 69 -10.69 13.87 17.62
CA VAL B 69 -11.55 13.30 18.62
C VAL B 69 -12.87 14.06 18.59
N TYR B 70 -14.00 13.31 18.56
CA TYR B 70 -15.24 14.06 18.26
C TYR B 70 -16.46 13.30 18.74
N ASN B 71 -17.51 14.08 18.98
CA ASN B 71 -18.86 13.48 19.10
C ASN B 71 -19.82 14.39 18.34
N ASP B 72 -21.13 14.25 18.57
CA ASP B 72 -22.11 15.02 17.82
C ASP B 72 -22.31 16.44 18.35
N ARG B 73 -21.49 16.87 19.31
CA ARG B 73 -21.50 18.25 19.80
C ARG B 73 -20.19 18.98 19.64
N ASP B 74 -19.07 18.31 19.87
CA ASP B 74 -17.77 18.94 20.13
C ASP B 74 -16.71 18.14 19.40
N SER B 75 -15.58 18.79 19.14
CA SER B 75 -14.45 18.05 18.67
C SER B 75 -13.17 18.77 19.15
N GLN B 76 -12.11 17.96 19.23
CA GLN B 76 -10.78 18.47 19.54
C GLN B 76 -9.79 17.66 18.72
N ASP B 77 -8.71 18.32 18.32
CA ASP B 77 -7.56 17.61 17.71
C ASP B 77 -6.53 17.39 18.80
N SER B 78 -5.94 16.21 18.83
CA SER B 78 -4.78 15.97 19.67
C SER B 78 -3.65 16.88 19.25
N LYS B 79 -2.67 17.00 20.12
CA LYS B 79 -1.41 17.52 19.69
C LYS B 79 -0.83 16.78 18.48
N LYS B 80 -0.06 17.47 17.64
N LYS B 80 -0.12 17.49 17.61
CA LYS B 80 0.60 16.84 16.51
CA LYS B 80 0.65 16.85 16.56
C LYS B 80 1.98 16.39 16.97
C LYS B 80 1.90 16.28 17.19
N VAL B 81 2.27 15.10 16.74
CA VAL B 81 3.54 14.50 17.17
C VAL B 81 4.32 14.02 15.98
N GLU B 82 5.63 13.94 16.13
CA GLU B 82 6.48 13.52 15.04
C GLU B 82 7.09 12.17 15.38
N ILE B 83 7.01 11.28 14.42
CA ILE B 83 7.66 9.98 14.54
C ILE B 83 8.83 10.03 13.59
N ILE B 84 10.02 9.90 14.17
CA ILE B 84 11.28 9.91 13.43
C ILE B 84 11.81 8.48 13.35
N ILE B 85 12.18 8.03 12.16
CA ILE B 85 12.74 6.68 11.99
C ILE B 85 14.16 6.87 11.55
N ASP B 86 15.10 6.54 12.43
CA ASP B 86 16.53 6.72 12.16
C ASP B 86 17.28 5.40 11.97
N SER C 2 26.72 6.12 -25.68
CA SER C 2 26.85 5.08 -24.62
C SER C 2 26.85 5.58 -23.16
N LYS C 3 27.41 6.76 -22.90
CA LYS C 3 27.27 7.36 -21.57
C LYS C 3 25.82 7.60 -21.24
N LEU C 4 25.46 7.26 -20.02
CA LEU C 4 24.09 7.42 -19.55
C LEU C 4 23.79 8.91 -19.40
N GLN C 5 22.66 9.33 -19.93
CA GLN C 5 22.28 10.74 -19.87
C GLN C 5 20.77 10.86 -19.89
N ILE C 6 20.23 11.54 -18.89
CA ILE C 6 18.81 11.90 -18.93
C ILE C 6 18.56 12.99 -19.99
N CYS C 7 17.58 12.67 -20.85
N CYS C 7 17.61 12.68 -20.87
CA CYS C 7 17.16 13.46 -22.01
CA CYS C 7 17.23 13.65 -21.87
C CYS C 7 15.77 14.05 -21.96
C CYS C 7 15.87 14.25 -21.63
N VAL C 8 14.90 13.45 -21.19
CA VAL C 8 13.56 14.00 -20.92
C VAL C 8 13.43 13.98 -19.38
N GLU C 9 13.16 15.14 -18.83
CA GLU C 9 12.95 15.36 -17.43
C GLU C 9 11.46 15.42 -17.11
N PRO C 10 11.05 15.03 -15.88
CA PRO C 10 9.65 15.14 -15.49
C PRO C 10 9.26 16.60 -15.25
N THR C 11 7.95 16.85 -15.17
CA THR C 11 7.37 18.15 -14.98
C THR C 11 6.48 18.26 -13.78
N SER C 12 6.60 19.36 -13.05
CA SER C 12 5.69 19.65 -11.94
C SER C 12 4.30 19.92 -12.51
N GLN C 13 3.29 19.60 -11.72
CA GLN C 13 1.90 19.75 -12.13
C GLN C 13 1.03 20.07 -10.96
N LYS C 14 -0.03 20.81 -11.27
CA LYS C 14 -1.11 21.05 -10.30
C LYS C 14 -2.37 20.43 -10.88
N LEU C 15 -2.88 19.44 -10.18
CA LEU C 15 -3.98 18.61 -10.65
C LEU C 15 -5.17 18.67 -9.76
N MET C 16 -6.35 18.42 -10.33
N MET C 16 -6.32 18.35 -10.32
CA MET C 16 -7.59 18.21 -9.56
CA MET C 16 -7.56 18.23 -9.55
C MET C 16 -7.73 16.76 -9.13
C MET C 16 -7.77 16.77 -9.16
N PRO C 17 -8.36 16.51 -7.98
CA PRO C 17 -8.70 15.13 -7.73
C PRO C 17 -9.51 14.52 -8.92
N GLY C 18 -9.14 13.32 -9.32
CA GLY C 18 -9.76 12.60 -10.43
C GLY C 18 -9.01 12.80 -11.75
N SER C 19 -8.11 13.77 -11.79
N SER C 19 -8.11 13.76 -11.83
CA SER C 19 -7.22 13.99 -12.96
CA SER C 19 -7.34 13.89 -13.06
C SER C 19 -6.24 12.83 -13.10
C SER C 19 -6.17 12.93 -13.07
N THR C 20 -5.54 12.77 -14.23
CA THR C 20 -4.51 11.78 -14.42
C THR C 20 -3.14 12.37 -14.11
N LEU C 21 -2.30 11.61 -13.41
CA LEU C 21 -0.93 11.96 -13.20
C LEU C 21 -0.06 11.16 -14.12
N VAL C 22 0.72 11.83 -14.97
CA VAL C 22 1.79 11.18 -15.73
C VAL C 22 3.09 11.90 -15.46
N LEU C 23 4.10 11.18 -15.00
CA LEU C 23 5.48 11.68 -14.90
C LEU C 23 6.34 10.84 -15.81
N GLN C 24 7.28 11.51 -16.49
CA GLN C 24 8.11 10.87 -17.47
C GLN C 24 9.58 11.25 -17.25
N CYS C 25 10.45 10.24 -17.39
CA CYS C 25 11.90 10.46 -17.40
C CYS C 25 12.46 9.50 -18.44
N VAL C 26 13.26 10.04 -19.39
CA VAL C 26 13.81 9.19 -20.42
C VAL C 26 15.31 9.47 -20.45
N ALA C 27 16.09 8.40 -20.52
CA ALA C 27 17.53 8.51 -20.67
C ALA C 27 18.00 7.65 -21.83
N VAL C 28 19.20 7.96 -22.28
CA VAL C 28 19.91 7.12 -23.24
C VAL C 28 21.13 6.55 -22.56
N GLY C 29 21.71 5.51 -23.14
CA GLY C 29 22.94 4.93 -22.65
C GLY C 29 23.03 3.49 -23.05
N SER C 30 24.24 2.95 -22.96
CA SER C 30 24.47 1.52 -23.12
C SER C 30 25.55 1.16 -22.13
N PRO C 31 25.30 0.18 -21.24
CA PRO C 31 24.06 -0.57 -21.13
C PRO C 31 22.82 0.31 -20.91
N ILE C 32 21.68 -0.21 -21.32
N ILE C 32 21.67 -0.21 -21.32
CA ILE C 32 20.46 0.57 -21.31
CA ILE C 32 20.44 0.58 -21.33
C ILE C 32 20.14 1.05 -19.89
C ILE C 32 20.02 1.00 -19.93
N PRO C 33 19.65 2.29 -19.77
CA PRO C 33 19.27 2.75 -18.43
C PRO C 33 18.10 2.00 -17.82
N HIS C 34 18.15 1.88 -16.50
CA HIS C 34 17.06 1.44 -15.66
C HIS C 34 16.59 2.63 -14.83
N TYR C 35 15.35 2.47 -14.32
CA TYR C 35 14.66 3.58 -13.68
C TYR C 35 14.07 3.13 -12.34
N GLN C 36 13.96 4.08 -11.38
CA GLN C 36 13.18 3.79 -10.17
C GLN C 36 12.63 5.16 -9.71
N TRP C 37 11.31 5.26 -9.59
CA TRP C 37 10.69 6.47 -9.13
C TRP C 37 10.60 6.53 -7.61
N PHE C 38 10.68 7.75 -7.10
CA PHE C 38 10.62 8.03 -5.69
C PHE C 38 9.60 9.13 -5.47
N LYS C 39 8.90 9.02 -4.33
CA LYS C 39 8.04 10.11 -3.84
C LYS C 39 8.42 10.40 -2.42
N ASN C 40 8.67 11.67 -2.14
CA ASN C 40 9.07 12.08 -0.75
C ASN C 40 10.14 11.15 -0.21
N GLU C 41 11.15 10.97 -1.07
CA GLU C 41 12.38 10.22 -0.78
C GLU C 41 12.22 8.71 -0.64
N LEU C 42 11.00 8.16 -0.79
CA LEU C 42 10.76 6.72 -0.73
C LEU C 42 10.44 6.10 -2.08
N PRO C 43 10.98 4.91 -2.34
CA PRO C 43 10.75 4.29 -3.67
C PRO C 43 9.30 3.85 -3.83
N LEU C 44 8.76 4.03 -5.02
CA LEU C 44 7.43 3.58 -5.38
C LEU C 44 7.58 2.14 -5.93
N THR C 45 7.00 1.14 -5.22
CA THR C 45 7.29 -0.26 -5.57
C THR C 45 6.83 -0.60 -6.96
N HIS C 46 7.77 -1.21 -7.73
CA HIS C 46 7.54 -1.62 -9.14
C HIS C 46 7.51 -0.49 -10.13
N GLU C 47 7.75 0.72 -9.70
CA GLU C 47 7.74 1.82 -10.64
C GLU C 47 9.12 2.06 -11.20
N THR C 48 9.39 1.19 -12.18
CA THR C 48 10.73 1.06 -12.79
C THR C 48 10.70 1.37 -14.27
N LYS C 49 9.65 2.09 -14.69
CA LYS C 49 9.50 2.45 -16.10
C LYS C 49 9.74 3.95 -16.32
N LYS C 50 9.95 4.33 -17.59
CA LYS C 50 10.10 5.71 -17.97
C LYS C 50 8.88 6.55 -17.58
N LEU C 51 7.68 5.94 -17.57
CA LEU C 51 6.45 6.62 -17.14
C LEU C 51 6.02 6.14 -15.78
N TYR C 52 5.59 7.05 -14.95
CA TYR C 52 4.87 6.76 -13.73
C TYR C 52 3.47 7.35 -13.93
N MET C 53 2.44 6.52 -13.77
N MET C 53 2.43 6.53 -13.85
CA MET C 53 1.07 6.95 -14.11
CA MET C 53 1.07 7.04 -14.17
C MET C 53 0.07 6.55 -13.01
C MET C 53 -0.03 6.53 -13.24
N VAL C 54 -0.81 7.50 -12.74
CA VAL C 54 -1.87 7.30 -11.77
C VAL C 54 -3.12 7.82 -12.51
N PRO C 55 -4.07 6.94 -12.86
CA PRO C 55 -5.23 7.38 -13.63
C PRO C 55 -6.19 8.30 -12.95
N TYR C 56 -6.41 8.14 -11.65
N TYR C 56 -6.30 8.18 -11.63
CA TYR C 56 -7.24 9.06 -10.91
CA TYR C 56 -7.28 8.88 -10.84
C TYR C 56 -6.47 9.46 -9.68
C TYR C 56 -6.64 9.53 -9.58
N VAL C 57 -6.01 10.72 -9.68
CA VAL C 57 -5.29 11.24 -8.50
C VAL C 57 -6.15 11.73 -7.38
N ASP C 58 -5.55 11.72 -6.20
CA ASP C 58 -6.17 12.28 -5.04
C ASP C 58 -5.08 12.83 -4.19
N LEU C 59 -5.47 13.32 -3.01
CA LEU C 59 -4.52 13.94 -2.13
C LEU C 59 -3.33 13.07 -1.79
N GLU C 60 -3.51 11.75 -1.75
CA GLU C 60 -2.40 10.86 -1.40
C GLU C 60 -1.26 10.97 -2.40
N HIS C 61 -1.54 11.48 -3.60
CA HIS C 61 -0.49 11.56 -4.64
C HIS C 61 0.30 12.84 -4.58
N GLN C 62 -0.10 13.77 -3.72
CA GLN C 62 0.65 15.00 -3.60
C GLN C 62 2.06 14.72 -3.09
N GLY C 63 3.05 15.42 -3.61
CA GLY C 63 4.39 15.27 -3.07
C GLY C 63 5.46 15.61 -4.09
N THR C 64 6.69 15.34 -3.68
CA THR C 64 7.88 15.63 -4.45
C THR C 64 8.37 14.30 -5.06
N TYR C 65 8.52 14.24 -6.40
CA TYR C 65 8.91 13.05 -7.09
C TYR C 65 10.22 13.24 -7.84
N TRP C 66 10.93 12.15 -8.02
CA TRP C 66 12.08 12.14 -8.92
C TRP C 66 12.36 10.71 -9.27
N CYS C 67 13.21 10.54 -10.27
CA CYS C 67 13.53 9.22 -10.80
C CYS C 67 15.05 9.04 -10.79
N HIS C 68 15.50 7.90 -10.24
CA HIS C 68 16.88 7.54 -10.30
C HIS C 68 17.09 6.73 -11.57
N VAL C 69 18.09 7.10 -12.35
CA VAL C 69 18.34 6.47 -13.65
C VAL C 69 19.74 5.88 -13.60
N TYR C 70 19.89 4.62 -14.00
CA TYR C 70 21.17 3.97 -13.70
C TYR C 70 21.43 2.78 -14.58
N ASN C 71 22.70 2.46 -14.72
CA ASN C 71 23.11 1.17 -15.24
C ASN C 71 24.27 0.68 -14.39
N ASP C 72 25.04 -0.30 -14.87
CA ASP C 72 26.16 -0.84 -14.11
C ASP C 72 27.42 -0.08 -14.19
N ARG C 73 27.35 1.15 -14.72
CA ARG C 73 28.51 2.01 -14.81
C ARG C 73 28.27 3.41 -14.24
N ASP C 74 27.06 3.94 -14.43
CA ASP C 74 26.81 5.37 -14.22
C ASP C 74 25.38 5.55 -13.71
N SER C 75 25.11 6.69 -13.10
N SER C 75 25.12 6.66 -13.04
CA SER C 75 23.76 7.03 -12.66
CA SER C 75 23.74 7.02 -12.69
C SER C 75 23.55 8.55 -12.55
C SER C 75 23.57 8.53 -12.75
N GLN C 76 22.30 8.93 -12.76
CA GLN C 76 21.90 10.31 -12.62
C GLN C 76 20.55 10.31 -11.96
N ASP C 77 20.25 11.39 -11.24
CA ASP C 77 18.92 11.64 -10.74
C ASP C 77 18.21 12.66 -11.61
N SER C 78 16.95 12.40 -11.87
CA SER C 78 16.16 13.39 -12.54
C SER C 78 16.03 14.59 -11.68
N LYS C 79 15.61 15.70 -12.29
CA LYS C 79 15.09 16.82 -11.51
C LYS C 79 13.96 16.37 -10.57
N LYS C 80 13.83 17.09 -9.44
CA LYS C 80 12.75 16.89 -8.51
C LYS C 80 11.59 17.74 -8.88
N VAL C 81 10.39 17.16 -8.94
CA VAL C 81 9.21 17.90 -9.35
C VAL C 81 8.17 17.79 -8.25
N GLU C 82 7.25 18.74 -8.26
CA GLU C 82 6.18 18.73 -7.26
C GLU C 82 4.84 18.51 -7.93
N ILE C 83 4.05 17.61 -7.36
CA ILE C 83 2.66 17.40 -7.76
C ILE C 83 1.82 17.96 -6.64
N ILE C 84 1.02 18.96 -7.01
CA ILE C 84 0.12 19.62 -6.08
C ILE C 84 -1.31 19.16 -6.47
N ILE C 85 -2.11 18.78 -5.48
CA ILE C 85 -3.46 18.39 -5.73
C ILE C 85 -4.39 19.48 -5.18
N ASP C 86 -5.21 20.12 -6.00
CA ASP C 86 -6.17 21.13 -5.52
C ASP C 86 -7.60 20.57 -5.54
N SER D 2 -7.82 -10.36 11.42
CA SER D 2 -6.61 -9.81 12.09
C SER D 2 -5.59 -9.37 11.03
N LYS D 3 -4.86 -8.29 11.32
CA LYS D 3 -4.04 -7.60 10.32
C LYS D 3 -2.92 -8.50 9.84
N LEU D 4 -2.75 -8.51 8.54
CA LEU D 4 -1.67 -9.28 7.93
C LEU D 4 -0.34 -8.61 8.28
N GLN D 5 0.61 -9.42 8.73
CA GLN D 5 1.90 -8.88 9.10
C GLN D 5 2.97 -9.94 8.90
N ILE D 6 4.04 -9.58 8.19
CA ILE D 6 5.20 -10.47 8.06
C ILE D 6 5.95 -10.46 9.37
N CYS D 7 6.21 -11.64 9.92
N CYS D 7 6.19 -11.63 9.93
CA CYS D 7 6.90 -11.84 11.19
CA CYS D 7 6.99 -11.72 11.15
C CYS D 7 8.24 -12.55 11.11
C CYS D 7 8.37 -12.29 10.92
N VAL D 8 8.49 -13.29 10.03
CA VAL D 8 9.80 -13.88 9.74
C VAL D 8 10.14 -13.45 8.31
N GLU D 9 11.28 -12.81 8.17
CA GLU D 9 11.81 -12.34 6.93
C GLU D 9 12.88 -13.27 6.42
N PRO D 10 13.06 -13.34 5.09
CA PRO D 10 14.10 -14.18 4.52
C PRO D 10 15.49 -13.55 4.77
N THR D 11 16.52 -14.39 4.59
CA THR D 11 17.92 -13.97 4.78
C THR D 11 18.76 -14.14 3.55
N SER D 12 19.63 -13.17 3.30
CA SER D 12 20.66 -13.27 2.26
C SER D 12 21.67 -14.35 2.61
N GLN D 13 22.21 -15.02 1.58
N GLN D 13 22.19 -15.04 1.59
CA GLN D 13 23.15 -16.10 1.80
CA GLN D 13 23.05 -16.19 1.76
C GLN D 13 24.11 -16.22 0.66
C GLN D 13 24.14 -16.11 0.71
N LYS D 14 25.32 -16.63 1.04
CA LYS D 14 26.37 -16.94 0.07
C LYS D 14 26.61 -18.43 0.17
N LEU D 15 26.35 -19.10 -0.92
CA LEU D 15 26.34 -20.56 -0.97
C LEU D 15 27.31 -21.11 -1.98
N MET D 16 27.73 -22.37 -1.79
N MET D 16 27.75 -22.34 -1.80
CA MET D 16 28.56 -23.11 -2.74
CA MET D 16 28.58 -22.98 -2.81
C MET D 16 27.67 -23.88 -3.69
C MET D 16 27.71 -23.86 -3.68
N PRO D 17 28.11 -24.07 -4.95
CA PRO D 17 27.33 -25.00 -5.73
C PRO D 17 27.17 -26.36 -4.98
N GLY D 18 25.97 -26.91 -5.02
CA GLY D 18 25.66 -28.17 -4.37
C GLY D 18 25.12 -28.01 -2.95
N SER D 19 25.22 -26.79 -2.40
N SER D 19 25.22 -26.81 -2.37
CA SER D 19 24.62 -26.46 -1.10
CA SER D 19 24.65 -26.60 -1.04
C SER D 19 23.11 -26.43 -1.20
C SER D 19 23.15 -26.28 -1.20
N THR D 20 22.43 -26.31 -0.07
CA THR D 20 20.98 -26.20 -0.07
C THR D 20 20.58 -24.75 0.09
N LEU D 21 19.60 -24.31 -0.71
CA LEU D 21 19.00 -23.00 -0.52
C LEU D 21 17.68 -23.13 0.18
N VAL D 22 17.53 -22.49 1.34
CA VAL D 22 16.21 -22.35 1.97
C VAL D 22 15.98 -20.86 2.21
N LEU D 23 14.86 -20.36 1.71
CA LEU D 23 14.36 -19.03 2.03
C LEU D 23 13.02 -19.17 2.74
N GLN D 24 12.80 -18.34 3.74
CA GLN D 24 11.59 -18.43 4.53
C GLN D 24 10.97 -17.06 4.72
N CYS D 25 9.64 -17.02 4.63
CA CYS D 25 8.86 -15.82 4.98
C CYS D 25 7.61 -16.33 5.67
N VAL D 26 7.33 -15.79 6.85
CA VAL D 26 6.16 -16.22 7.61
C VAL D 26 5.39 -14.98 8.01
N ALA D 27 4.06 -15.01 7.80
CA ALA D 27 3.19 -13.94 8.23
C ALA D 27 2.05 -14.49 9.08
N VAL D 28 1.43 -13.58 9.81
CA VAL D 28 0.18 -13.86 10.51
C VAL D 28 -0.92 -13.05 9.86
N GLY D 29 -2.18 -13.39 10.13
CA GLY D 29 -3.31 -12.64 9.65
C GLY D 29 -4.51 -13.53 9.53
N SER D 30 -5.68 -12.92 9.45
CA SER D 30 -6.91 -13.63 9.13
C SER D 30 -7.71 -12.67 8.28
N PRO D 31 -8.10 -13.09 7.07
CA PRO D 31 -7.84 -14.40 6.50
C PRO D 31 -6.35 -14.73 6.41
N ILE D 32 -6.06 -16.03 6.39
N ILE D 32 -6.07 -16.03 6.40
CA ILE D 32 -4.70 -16.50 6.49
CA ILE D 32 -4.69 -16.51 6.46
C ILE D 32 -3.87 -16.05 5.27
C ILE D 32 -3.89 -15.94 5.27
N PRO D 33 -2.64 -15.55 5.51
CA PRO D 33 -1.82 -15.09 4.40
C PRO D 33 -1.50 -16.14 3.36
N HIS D 34 -1.42 -15.70 2.11
CA HIS D 34 -0.90 -16.48 1.01
C HIS D 34 0.45 -15.85 0.64
N TYR D 35 1.21 -16.65 -0.13
CA TYR D 35 2.61 -16.33 -0.43
C TYR D 35 2.87 -16.52 -1.91
N GLN D 36 3.79 -15.73 -2.48
CA GLN D 36 4.32 -16.02 -3.82
C GLN D 36 5.77 -15.49 -3.85
N TRP D 37 6.71 -16.37 -4.17
CA TRP D 37 8.10 -16.00 -4.25
C TRP D 37 8.47 -15.49 -5.63
N PHE D 38 9.41 -14.53 -5.65
CA PHE D 38 9.91 -13.89 -6.86
C PHE D 38 11.42 -13.95 -6.83
N LYS D 39 11.99 -14.13 -8.03
CA LYS D 39 13.43 -13.99 -8.23
C LYS D 39 13.66 -13.01 -9.34
N ASN D 40 14.49 -11.99 -9.11
CA ASN D 40 14.77 -10.96 -10.16
C ASN D 40 13.45 -10.48 -10.80
N GLU D 41 12.52 -10.18 -9.91
CA GLU D 41 11.19 -9.60 -10.23
C GLU D 41 10.22 -10.51 -10.96
N LEU D 42 10.59 -11.78 -11.20
CA LEU D 42 9.68 -12.74 -11.81
C LEU D 42 9.18 -13.83 -10.87
N PRO D 43 7.91 -14.22 -10.99
CA PRO D 43 7.38 -15.19 -10.03
C PRO D 43 7.97 -16.58 -10.29
N LEU D 44 8.26 -17.32 -9.21
CA LEU D 44 8.69 -18.70 -9.30
C LEU D 44 7.44 -19.59 -9.24
N THR D 45 7.24 -20.32 -10.33
N THR D 45 7.18 -20.27 -10.35
CA THR D 45 6.01 -21.08 -10.51
CA THR D 45 5.90 -20.96 -10.48
C THR D 45 5.78 -22.04 -9.33
C THR D 45 5.73 -22.06 -9.44
N HIS D 46 4.55 -22.02 -8.82
CA HIS D 46 4.11 -22.94 -7.73
C HIS D 46 4.80 -22.69 -6.41
N GLU D 47 5.64 -21.66 -6.31
CA GLU D 47 6.32 -21.37 -5.05
C GLU D 47 5.48 -20.42 -4.20
N THR D 48 4.49 -21.05 -3.59
CA THR D 48 3.45 -20.35 -2.86
C THR D 48 3.43 -20.74 -1.39
N LYS D 49 4.57 -21.24 -0.92
CA LYS D 49 4.69 -21.68 0.50
C LYS D 49 5.61 -20.75 1.25
N LYS D 50 5.53 -20.80 2.58
N LYS D 50 5.55 -20.88 2.57
CA LYS D 50 6.43 -20.02 3.44
CA LYS D 50 6.40 -20.12 3.50
C LYS D 50 7.91 -20.32 3.12
C LYS D 50 7.89 -20.39 3.27
N LEU D 51 8.21 -21.58 2.80
CA LEU D 51 9.60 -21.95 2.44
C LEU D 51 9.73 -22.07 0.93
N TYR D 52 10.84 -21.55 0.44
CA TYR D 52 11.29 -21.82 -0.92
C TYR D 52 12.61 -22.61 -0.79
N MET D 53 12.68 -23.80 -1.37
CA MET D 53 13.86 -24.61 -1.10
C MET D 53 14.36 -25.25 -2.38
N VAL D 54 15.68 -25.24 -2.50
CA VAL D 54 16.37 -25.80 -3.65
C VAL D 54 17.44 -26.70 -3.03
N PRO D 55 17.35 -28.04 -3.19
CA PRO D 55 18.29 -28.95 -2.55
C PRO D 55 19.73 -28.86 -2.98
N TYR D 56 20.00 -28.66 -4.27
N TYR D 56 19.93 -28.58 -4.25
CA TYR D 56 21.40 -28.50 -4.76
CA TYR D 56 21.23 -28.55 -4.86
C TYR D 56 21.55 -27.29 -5.65
C TYR D 56 21.28 -27.22 -5.61
N VAL D 57 21.97 -26.18 -5.07
CA VAL D 57 22.12 -24.92 -5.84
C VAL D 57 23.24 -24.86 -6.84
N ASP D 58 23.02 -24.03 -7.84
CA ASP D 58 24.02 -23.76 -8.83
C ASP D 58 23.84 -22.33 -9.19
N LEU D 59 24.63 -21.94 -10.17
CA LEU D 59 24.74 -20.55 -10.53
C LEU D 59 23.37 -20.04 -10.96
N GLU D 60 22.50 -20.90 -11.50
CA GLU D 60 21.21 -20.40 -12.00
C GLU D 60 20.36 -19.86 -10.85
N HIS D 61 20.66 -20.26 -9.60
CA HIS D 61 19.86 -19.80 -8.46
C HIS D 61 20.32 -18.48 -7.90
N GLN D 62 21.44 -17.96 -8.41
CA GLN D 62 21.87 -16.66 -7.93
C GLN D 62 20.84 -15.58 -8.28
N GLY D 63 20.63 -14.62 -7.39
CA GLY D 63 19.75 -13.52 -7.71
C GLY D 63 19.14 -12.90 -6.49
N THR D 64 18.19 -12.02 -6.75
CA THR D 64 17.50 -11.26 -5.71
C THR D 64 16.12 -11.84 -5.56
N TYR D 65 15.75 -12.21 -4.32
CA TYR D 65 14.47 -12.88 -4.04
C TYR D 65 13.65 -12.07 -3.05
N TRP D 66 12.32 -12.22 -3.17
CA TRP D 66 11.43 -11.66 -2.14
C TRP D 66 10.11 -12.42 -2.29
N CYS D 67 9.28 -12.26 -1.29
CA CYS D 67 8.00 -12.97 -1.23
C CYS D 67 6.89 -11.92 -1.05
N HIS D 68 5.85 -12.04 -1.89
CA HIS D 68 4.65 -11.25 -1.74
C HIS D 68 3.69 -12.00 -0.83
N VAL D 69 3.22 -11.33 0.21
CA VAL D 69 2.36 -11.95 1.22
C VAL D 69 1.03 -11.25 1.19
N TYR D 70 -0.07 -11.99 1.14
CA TYR D 70 -1.34 -11.29 0.87
C TYR D 70 -2.53 -12.09 1.27
N ASN D 71 -3.62 -11.38 1.48
CA ASN D 71 -4.94 -12.00 1.57
C ASN D 71 -5.92 -11.11 0.81
N ASP D 72 -7.21 -11.26 1.03
CA ASP D 72 -8.21 -10.47 0.30
C ASP D 72 -8.46 -9.09 0.86
N ARG D 73 -7.63 -8.64 1.82
N ARG D 73 -7.61 -8.69 1.81
CA ARG D 73 -7.73 -7.26 2.31
CA ARG D 73 -7.74 -7.44 2.50
C ARG D 73 -6.41 -6.51 2.26
C ARG D 73 -6.49 -6.56 2.47
N ASP D 74 -5.31 -7.20 2.51
CA ASP D 74 -4.05 -6.50 2.74
C ASP D 74 -2.91 -7.27 2.10
N SER D 75 -1.77 -6.61 1.90
CA SER D 75 -0.57 -7.29 1.45
C SER D 75 0.67 -6.57 1.94
N GLN D 76 1.75 -7.32 1.94
CA GLN D 76 3.06 -6.80 2.25
C GLN D 76 4.05 -7.54 1.41
N ASP D 77 5.17 -6.88 1.12
CA ASP D 77 6.32 -7.55 0.51
C ASP D 77 7.37 -7.80 1.55
N SER D 78 7.95 -9.01 1.49
CA SER D 78 9.11 -9.26 2.33
C SER D 78 10.24 -8.35 1.96
N LYS D 79 11.23 -8.28 2.84
CA LYS D 79 12.51 -7.75 2.43
C LYS D 79 13.08 -8.51 1.21
N LYS D 80 13.90 -7.81 0.41
N LYS D 80 13.86 -7.79 0.41
CA LYS D 80 14.54 -8.34 -0.82
CA LYS D 80 14.62 -8.42 -0.64
C LYS D 80 15.97 -8.79 -0.51
C LYS D 80 15.89 -8.96 -0.06
N VAL D 81 16.25 -10.11 -0.61
CA VAL D 81 17.53 -10.69 -0.18
C VAL D 81 18.30 -11.18 -1.40
N GLU D 82 19.59 -11.33 -1.19
CA GLU D 82 20.42 -11.77 -2.29
C GLU D 82 20.99 -13.13 -2.00
N ILE D 83 20.98 -13.99 -3.00
CA ILE D 83 21.66 -15.30 -2.94
C ILE D 83 22.80 -15.20 -3.89
N ILE D 84 24.00 -15.35 -3.33
CA ILE D 84 25.24 -15.34 -4.12
C ILE D 84 25.76 -16.78 -4.16
N ILE D 85 26.19 -17.23 -5.33
CA ILE D 85 26.70 -18.57 -5.49
C ILE D 85 28.20 -18.41 -5.82
N ASP D 86 29.08 -18.92 -4.95
CA ASP D 86 30.53 -18.77 -5.10
C ASP D 86 31.12 -20.06 -5.64
#